data_4ICZ
#
_entry.id   4ICZ
#
_cell.length_a   73.249
_cell.length_b   85.705
_cell.length_c   49.781
_cell.angle_alpha   90.00
_cell.angle_beta   90.00
_cell.angle_gamma   90.00
#
_symmetry.space_group_name_H-M   'P 21 21 2'
#
loop_
_entity.id
_entity.type
_entity.pdbx_description
1 polymer 'Tyrosine-protein phosphatase non-receptor type 9'
2 polymer HER2
3 water water
#
loop_
_entity_poly.entity_id
_entity_poly.type
_entity_poly.pdbx_seq_one_letter_code
_entity_poly.pdbx_strand_id
1 'polypeptide(L)'
;MSVHVPGPHAMTIQELVDYVNARQKQGIYEEYEDIRRENPVGTFHCSMSPGNLEKNRYGDVPCLDQTRVKLTKRSGHTQT
DYINASFMDGYKQKNAYIGTQGPLENTYRDFWLMVWEQKVLVIVMTTRFEEGGRRKCGQYWPLEKDSRIRFGFLTVTNLG
VENMNHYKKTTLEIHNTEERQKRQVTHFQFLSWPDYGVPSSAASLIDFLRVVRNQQSLAVSNMGARSKGQCPEPPIVVHC
SAGIGRTGTFCSLDICLAQLEELGTLNVFQTVSRMRTQRAFSIQTPEQYYFCYKAILEFAEKEGMVSAHHHHHH
;
A
2 'polypeptide(L)' NL(PTR)(PTR)W F
#
# COMPACT_ATOMS: atom_id res chain seq x y z
N SER A 2 10.75 -8.58 11.51
CA SER A 2 9.76 -8.64 10.45
C SER A 2 9.20 -10.05 10.28
N VAL A 3 7.91 -10.17 9.98
CA VAL A 3 7.34 -11.48 9.66
C VAL A 3 7.88 -12.00 8.32
N HIS A 4 8.34 -11.11 7.45
CA HIS A 4 8.83 -11.53 6.14
C HIS A 4 10.32 -11.88 6.17
N VAL A 5 10.59 -13.13 6.54
CA VAL A 5 11.94 -13.70 6.49
C VAL A 5 11.93 -14.84 5.49
N PRO A 6 13.09 -15.14 4.88
CA PRO A 6 13.19 -16.15 3.82
C PRO A 6 12.51 -17.49 4.12
N GLY A 7 12.70 -18.04 5.31
CA GLY A 7 12.24 -19.39 5.59
C GLY A 7 10.73 -19.60 5.56
N PRO A 8 10.31 -20.87 5.45
CA PRO A 8 11.22 -21.99 5.29
C PRO A 8 11.13 -22.66 3.92
N HIS A 9 10.37 -22.08 2.99
CA HIS A 9 10.25 -22.65 1.66
C HIS A 9 10.60 -21.67 0.54
N ALA A 10 11.68 -20.92 0.71
CA ALA A 10 12.09 -19.96 -0.30
C ALA A 10 12.41 -20.66 -1.63
N MET A 11 11.99 -20.07 -2.74
CA MET A 11 12.23 -20.65 -4.06
C MET A 11 13.17 -19.79 -4.89
N THR A 12 14.05 -20.42 -5.67
CA THR A 12 14.84 -19.67 -6.64
C THR A 12 13.97 -19.30 -7.84
N ILE A 13 14.47 -18.39 -8.66
CA ILE A 13 13.74 -17.96 -9.84
C ILE A 13 13.43 -19.10 -10.80
N GLN A 14 14.35 -20.05 -10.94
CA GLN A 14 14.10 -21.21 -11.81
C GLN A 14 13.06 -22.15 -11.21
N GLU A 15 13.12 -22.36 -9.90
CA GLU A 15 12.10 -23.15 -9.22
C GLU A 15 10.72 -22.49 -9.35
N LEU A 16 10.71 -21.16 -9.37
CA LEU A 16 9.45 -20.41 -9.51
C LEU A 16 8.83 -20.65 -10.87
N VAL A 17 9.65 -20.57 -11.92
CA VAL A 17 9.21 -20.89 -13.27
C VAL A 17 8.56 -22.27 -13.35
N ASP A 18 9.22 -23.28 -12.79
CA ASP A 18 8.73 -24.66 -12.83
C ASP A 18 7.43 -24.79 -12.05
N TYR A 19 7.42 -24.19 -10.86
CA TYR A 19 6.23 -24.09 -10.01
C TYR A 19 5.01 -23.53 -10.75
N VAL A 20 5.17 -22.36 -11.36
CA VAL A 20 4.06 -21.75 -12.08
C VAL A 20 3.66 -22.60 -13.28
N ASN A 21 4.64 -23.19 -13.95
CA ASN A 21 4.35 -24.06 -15.08
C ASN A 21 3.54 -25.29 -14.67
N ALA A 22 3.91 -25.89 -13.55
CA ALA A 22 3.18 -27.05 -13.03
C ALA A 22 1.74 -26.72 -12.65
N ARG A 23 1.53 -25.55 -12.04
CA ARG A 23 0.21 -25.23 -11.50
C ARG A 23 -0.71 -24.55 -12.51
N GLN A 24 -0.12 -23.80 -13.44
CA GLN A 24 -0.90 -23.04 -14.40
C GLN A 24 -1.78 -22.02 -13.69
N LYS A 25 -2.46 -21.21 -14.48
CA LYS A 25 -3.33 -20.18 -13.95
C LYS A 25 -4.38 -20.70 -12.96
N GLN A 26 -5.07 -21.78 -13.31
CA GLN A 26 -6.12 -22.28 -12.41
C GLN A 26 -5.54 -22.79 -11.10
N GLY A 27 -4.37 -23.41 -11.16
CA GLY A 27 -3.69 -23.88 -9.96
C GLY A 27 -3.31 -22.68 -9.11
N ILE A 28 -2.86 -21.61 -9.75
CA ILE A 28 -2.56 -20.38 -9.01
C ILE A 28 -3.84 -19.75 -8.44
N TYR A 29 -4.94 -19.75 -9.21
CA TYR A 29 -6.22 -19.24 -8.70
C TYR A 29 -6.71 -20.03 -7.49
N GLU A 30 -6.52 -21.35 -7.52
CA GLU A 30 -6.92 -22.20 -6.41
C GLU A 30 -6.02 -21.97 -5.20
N GLU A 31 -4.75 -21.67 -5.44
CA GLU A 31 -3.84 -21.29 -4.38
C GLU A 31 -4.33 -19.99 -3.67
N TYR A 32 -4.77 -19.02 -4.44
CA TYR A 32 -5.35 -17.82 -3.83
C TYR A 32 -6.55 -18.20 -2.96
N GLU A 33 -7.41 -19.08 -3.46
CA GLU A 33 -8.55 -19.47 -2.64
C GLU A 33 -8.13 -20.08 -1.30
N ASP A 34 -7.08 -20.91 -1.30
CA ASP A 34 -6.55 -21.48 -0.05
C ASP A 34 -6.11 -20.38 0.92
N ILE A 35 -5.52 -19.33 0.36
CA ILE A 35 -5.09 -18.21 1.18
C ILE A 35 -6.32 -17.57 1.79
N ARG A 36 -7.32 -17.29 0.95
CA ARG A 36 -8.56 -16.64 1.39
C ARG A 36 -9.23 -17.39 2.54
N ARG A 37 -9.00 -18.69 2.60
CA ARG A 37 -9.74 -19.55 3.52
C ARG A 37 -9.15 -19.61 4.92
N GLU A 38 -7.85 -19.32 5.05
CA GLU A 38 -7.27 -19.21 6.39
C GLU A 38 -8.16 -18.28 7.20
N ASN A 39 -8.45 -18.64 8.45
CA ASN A 39 -9.23 -17.76 9.32
C ASN A 39 -8.31 -16.64 9.76
N PRO A 40 -8.77 -15.38 9.65
CA PRO A 40 -7.89 -14.27 10.01
C PRO A 40 -7.39 -14.41 11.44
N VAL A 41 -6.12 -14.12 11.64
CA VAL A 41 -5.56 -14.06 12.98
C VAL A 41 -5.78 -12.65 13.51
N GLY A 42 -6.77 -12.47 14.37
CA GLY A 42 -7.00 -11.18 14.99
C GLY A 42 -8.46 -10.79 15.10
N THR A 43 -8.71 -9.54 15.47
CA THR A 43 -10.07 -9.05 15.67
C THR A 43 -10.23 -7.67 15.06
N PHE A 44 -11.49 -7.23 14.94
CA PHE A 44 -11.80 -5.98 14.26
C PHE A 44 -12.67 -5.05 15.11
N HIS A 45 -12.56 -5.15 16.43
CA HIS A 45 -13.48 -4.44 17.32
C HIS A 45 -13.41 -2.91 17.18
N CYS A 46 -12.21 -2.35 17.15
CA CYS A 46 -12.07 -0.89 17.08
C CYS A 46 -12.74 -0.35 15.81
N SER A 47 -12.47 -1.00 14.70
CA SER A 47 -13.09 -0.69 13.41
C SER A 47 -14.60 -0.67 13.44
N MET A 48 -15.19 -1.51 14.28
CA MET A 48 -16.65 -1.69 14.28
C MET A 48 -17.35 -0.96 15.40
N SER A 49 -16.58 -0.19 16.18
CA SER A 49 -17.13 0.57 17.28
C SER A 49 -17.92 1.77 16.79
N PRO A 50 -18.96 2.17 17.55
CA PRO A 50 -19.70 3.39 17.26
C PRO A 50 -18.75 4.56 17.41
N GLY A 51 -18.84 5.52 16.51
CA GLY A 51 -17.84 6.58 16.47
C GLY A 51 -16.85 6.29 15.36
N ASN A 52 -16.45 5.01 15.22
CA ASN A 52 -15.47 4.64 14.21
C ASN A 52 -16.05 4.12 12.92
N LEU A 53 -17.30 3.67 12.99
CA LEU A 53 -18.00 3.13 11.83
C LEU A 53 -17.95 4.07 10.63
N GLU A 54 -18.26 5.34 10.88
CA GLU A 54 -18.27 6.33 9.81
C GLU A 54 -16.85 6.68 9.30
N LYS A 55 -15.82 6.19 9.99
CA LYS A 55 -14.43 6.44 9.54
C LYS A 55 -13.93 5.36 8.57
N ASN A 56 -14.78 4.38 8.27
CA ASN A 56 -14.45 3.35 7.30
C ASN A 56 -15.13 3.66 5.98
N ARG A 57 -14.37 3.62 4.89
CA ARG A 57 -14.95 3.87 3.57
C ARG A 57 -15.94 2.74 3.21
N TYR A 58 -15.62 1.51 3.61
CA TYR A 58 -16.46 0.37 3.24
C TYR A 58 -16.91 -0.46 4.45
N GLY A 59 -18.18 -0.83 4.44
CA GLY A 59 -18.75 -1.67 5.49
C GLY A 59 -18.11 -3.05 5.60
N ASP A 60 -17.50 -3.53 4.52
CA ASP A 60 -16.91 -4.88 4.52
C ASP A 60 -15.37 -4.87 4.54
N VAL A 61 -14.77 -3.72 4.79
CA VAL A 61 -13.31 -3.65 4.92
C VAL A 61 -12.91 -2.99 6.23
N PRO A 62 -13.02 -3.74 7.34
CA PRO A 62 -12.52 -3.27 8.63
C PRO A 62 -11.01 -3.43 8.67
N CYS A 63 -10.39 -3.07 9.79
CA CYS A 63 -8.97 -3.31 9.92
C CYS A 63 -8.62 -3.98 11.25
N LEU A 64 -7.51 -4.69 11.27
CA LEU A 64 -7.12 -5.45 12.45
C LEU A 64 -6.80 -4.58 13.68
N ASP A 65 -7.35 -4.96 14.84
CA ASP A 65 -7.00 -4.30 16.09
C ASP A 65 -5.51 -4.40 16.37
N GLN A 66 -4.96 -5.59 16.12
CA GLN A 66 -3.60 -5.94 16.52
C GLN A 66 -2.50 -5.14 15.82
N THR A 67 -2.78 -4.64 14.61
CA THR A 67 -1.74 -3.93 13.88
C THR A 67 -2.10 -2.52 13.45
N ARG A 68 -3.22 -2.00 13.93
CA ARG A 68 -3.70 -0.71 13.45
C ARG A 68 -2.81 0.43 13.89
N VAL A 69 -2.80 1.50 13.11
CA VAL A 69 -2.07 2.72 13.47
C VAL A 69 -2.96 3.58 14.34
N LYS A 70 -2.54 3.84 15.57
CA LYS A 70 -3.32 4.67 16.48
C LYS A 70 -2.91 6.13 16.37
N LEU A 71 -3.89 7.03 16.48
CA LEU A 71 -3.63 8.45 16.45
C LEU A 71 -3.50 8.93 17.89
N THR A 72 -2.45 9.66 18.20
CA THR A 72 -2.22 10.06 19.59
C THR A 72 -2.71 11.48 19.90
N LYS A 73 -2.25 12.48 19.13
CA LYS A 73 -2.61 13.87 19.43
C LYS A 73 -3.99 14.25 18.90
N ARG A 74 -5.04 13.75 19.56
CA ARG A 74 -6.42 14.03 19.15
C ARG A 74 -6.88 15.42 19.56
N GLN A 79 -13.05 12.39 16.86
CA GLN A 79 -12.28 12.48 18.10
C GLN A 79 -11.97 11.11 18.73
N THR A 80 -11.46 10.18 17.92
CA THR A 80 -10.97 8.91 18.45
C THR A 80 -9.54 8.67 17.99
N ASP A 81 -8.92 7.62 18.51
CA ASP A 81 -7.56 7.27 18.10
C ASP A 81 -7.55 6.39 16.85
N TYR A 82 -8.71 6.28 16.21
CA TYR A 82 -8.88 5.33 15.11
C TYR A 82 -8.74 5.91 13.71
N ILE A 83 -7.95 5.21 12.90
CA ILE A 83 -7.93 5.41 11.46
C ILE A 83 -7.80 4.03 10.82
N ASN A 84 -8.48 3.83 9.69
CA ASN A 84 -8.44 2.55 9.03
C ASN A 84 -7.11 2.44 8.30
N ALA A 85 -6.11 1.93 9.01
CA ALA A 85 -4.72 1.93 8.57
C ALA A 85 -3.97 0.89 9.37
N SER A 86 -3.14 0.09 8.71
CA SER A 86 -2.43 -0.99 9.37
C SER A 86 -0.93 -0.95 9.15
N PHE A 87 -0.16 -1.12 10.21
CA PHE A 87 1.28 -1.33 10.06
C PHE A 87 1.56 -2.65 9.33
N MET A 88 2.47 -2.60 8.36
CA MET A 88 2.83 -3.76 7.56
C MET A 88 4.35 -3.91 7.47
N ASP A 89 4.85 -5.10 7.80
CA ASP A 89 6.27 -5.37 7.66
C ASP A 89 6.62 -5.47 6.19
N GLY A 90 7.89 -5.25 5.88
CA GLY A 90 8.42 -5.48 4.55
C GLY A 90 9.57 -6.46 4.66
N TYR A 91 10.31 -6.62 3.57
CA TYR A 91 11.41 -7.57 3.56
C TYR A 91 12.51 -7.20 4.56
N LYS A 92 12.66 -8.01 5.60
CA LYS A 92 13.65 -7.75 6.66
C LYS A 92 13.54 -6.34 7.25
N GLN A 93 12.32 -5.84 7.34
CA GLN A 93 12.09 -4.50 7.85
C GLN A 93 10.75 -4.42 8.54
N LYS A 94 10.76 -4.11 9.82
CA LYS A 94 9.51 -3.95 10.55
C LYS A 94 8.84 -2.63 10.14
N ASN A 95 7.51 -2.67 10.05
CA ASN A 95 6.74 -1.47 9.70
C ASN A 95 7.28 -0.72 8.48
N ALA A 96 7.51 -1.45 7.39
CA ALA A 96 7.96 -0.85 6.13
C ALA A 96 6.86 -0.03 5.45
N TYR A 97 5.62 -0.44 5.65
CA TYR A 97 4.46 0.25 5.04
C TYR A 97 3.37 0.52 6.06
N ILE A 98 2.52 1.49 5.75
CA ILE A 98 1.23 1.62 6.40
C ILE A 98 0.23 1.44 5.29
N GLY A 99 -0.56 0.38 5.38
CA GLY A 99 -1.61 0.14 4.40
C GLY A 99 -2.91 0.79 4.88
N THR A 100 -3.54 1.59 4.04
CA THR A 100 -4.71 2.35 4.48
C THR A 100 -5.69 2.61 3.34
N GLN A 101 -6.93 2.91 3.69
CA GLN A 101 -7.96 3.21 2.70
C GLN A 101 -7.77 4.61 2.10
N GLY A 102 -8.49 4.89 1.02
CA GLY A 102 -8.53 6.23 0.46
C GLY A 102 -9.27 7.14 1.43
N PRO A 103 -8.63 8.22 1.86
CA PRO A 103 -9.23 9.09 2.87
C PRO A 103 -10.59 9.67 2.48
N LEU A 104 -11.47 9.76 3.48
CA LEU A 104 -12.82 10.32 3.37
C LEU A 104 -12.76 11.76 3.88
N GLU A 105 -13.72 12.59 3.48
CA GLU A 105 -13.70 13.99 3.92
C GLU A 105 -13.60 14.10 5.43
N ASN A 106 -14.27 13.19 6.14
CA ASN A 106 -14.25 13.21 7.60
C ASN A 106 -13.00 12.54 8.21
N THR A 107 -12.12 12.03 7.36
CA THR A 107 -10.86 11.45 7.85
C THR A 107 -9.60 12.13 7.28
N TYR A 108 -9.76 13.19 6.49
CA TYR A 108 -8.59 13.87 5.93
C TYR A 108 -7.60 14.25 7.03
N ARG A 109 -8.13 14.85 8.11
CA ARG A 109 -7.27 15.32 9.20
C ARG A 109 -6.63 14.19 10.02
N ASP A 110 -7.35 13.08 10.17
CA ASP A 110 -6.78 11.87 10.76
C ASP A 110 -5.64 11.37 9.89
N PHE A 111 -5.84 11.34 8.57
CA PHE A 111 -4.80 10.91 7.64
C PHE A 111 -3.53 11.75 7.79
N TRP A 112 -3.68 13.06 7.83
CA TRP A 112 -2.46 13.89 7.92
C TRP A 112 -1.82 13.82 9.30
N LEU A 113 -2.63 13.64 10.35
CA LEU A 113 -2.08 13.47 11.69
C LEU A 113 -1.19 12.22 11.71
N MET A 114 -1.68 11.14 11.11
CA MET A 114 -0.94 9.88 11.00
C MET A 114 0.35 10.08 10.23
N VAL A 115 0.27 10.75 9.09
CA VAL A 115 1.46 11.01 8.29
C VAL A 115 2.49 11.77 9.12
N TRP A 116 2.01 12.76 9.87
CA TRP A 116 2.92 13.55 10.71
C TRP A 116 3.49 12.69 11.84
N GLU A 117 2.60 12.06 12.58
CA GLU A 117 2.98 11.29 13.75
C GLU A 117 3.94 10.16 13.43
N GLN A 118 3.80 9.53 12.27
CA GLN A 118 4.60 8.36 11.91
C GLN A 118 5.81 8.73 11.06
N LYS A 119 6.04 10.04 10.91
CA LYS A 119 7.24 10.56 10.27
C LYS A 119 7.35 10.13 8.80
N VAL A 120 6.20 9.93 8.18
CA VAL A 120 6.11 9.47 6.80
C VAL A 120 6.74 10.48 5.83
N LEU A 121 7.51 9.97 4.88
CA LEU A 121 8.18 10.82 3.90
C LEU A 121 7.63 10.60 2.49
N VAL A 122 6.97 9.45 2.27
CA VAL A 122 6.47 9.11 0.95
C VAL A 122 5.07 8.48 1.02
N ILE A 123 4.17 8.98 0.19
CA ILE A 123 2.82 8.44 0.09
C ILE A 123 2.62 7.83 -1.29
N VAL A 124 2.10 6.61 -1.32
CA VAL A 124 1.82 5.96 -2.58
C VAL A 124 0.32 5.75 -2.75
N MET A 125 -0.23 6.35 -3.81
CA MET A 125 -1.65 6.26 -4.09
C MET A 125 -1.89 5.52 -5.41
N THR A 126 -2.60 4.40 -5.36
CA THR A 126 -2.85 3.59 -6.54
C THR A 126 -4.33 3.54 -6.86
N THR A 127 -4.91 4.72 -7.08
CA THR A 127 -6.31 4.82 -7.44
C THR A 127 -6.53 6.19 -8.05
N ARG A 128 -7.58 6.31 -8.86
CA ARG A 128 -8.05 7.64 -9.23
C ARG A 128 -9.14 8.01 -8.25
N PHE A 129 -9.56 9.28 -8.24
CA PHE A 129 -10.61 9.71 -7.32
C PHE A 129 -11.93 9.01 -7.60
N GLU A 130 -12.19 8.77 -8.89
CA GLU A 130 -13.41 8.14 -9.35
C GLU A 130 -13.08 7.16 -10.46
N GLU A 131 -13.68 5.98 -10.41
CA GLU A 131 -13.38 4.95 -11.41
C GLU A 131 -14.66 4.20 -11.70
N GLY A 132 -15.17 4.35 -12.91
CA GLY A 132 -16.38 3.65 -13.30
C GLY A 132 -17.62 4.27 -12.71
N GLY A 133 -17.60 5.59 -12.55
CA GLY A 133 -18.77 6.32 -12.11
C GLY A 133 -18.71 6.80 -10.66
N ARG A 134 -18.30 5.92 -9.76
CA ARG A 134 -18.44 6.18 -8.31
C ARG A 134 -17.15 6.66 -7.61
N ARG A 135 -17.35 7.28 -6.45
CA ARG A 135 -16.26 7.82 -5.63
C ARG A 135 -15.36 6.72 -5.07
N LYS A 136 -14.05 6.93 -5.16
CA LYS A 136 -13.06 5.92 -4.76
C LYS A 136 -12.12 6.45 -3.68
N CYS A 137 -11.88 7.76 -3.74
CA CYS A 137 -10.98 8.42 -2.80
C CYS A 137 -11.28 9.91 -2.81
N GLY A 138 -11.19 10.54 -1.66
CA GLY A 138 -11.41 11.98 -1.56
C GLY A 138 -10.18 12.76 -2.00
N GLN A 139 -10.37 14.04 -2.31
CA GLN A 139 -9.24 14.90 -2.66
C GLN A 139 -8.63 15.47 -1.39
N TYR A 140 -7.77 14.68 -0.75
CA TYR A 140 -7.27 15.01 0.59
C TYR A 140 -6.02 15.88 0.59
N TRP A 141 -5.48 16.20 -0.58
CA TRP A 141 -4.29 17.05 -0.65
C TRP A 141 -4.52 18.21 -1.63
N PRO A 142 -3.77 19.32 -1.45
CA PRO A 142 -3.93 20.47 -2.37
C PRO A 142 -3.43 20.11 -3.76
N LEU A 143 -4.34 20.09 -4.75
CA LEU A 143 -4.04 19.55 -6.07
C LEU A 143 -3.11 20.41 -6.92
N GLU A 144 -3.20 21.74 -6.75
CA GLU A 144 -2.47 22.65 -7.61
C GLU A 144 -1.28 23.27 -6.89
N LYS A 145 -0.25 23.56 -7.66
CA LYS A 145 1.03 23.99 -7.12
C LYS A 145 1.03 24.89 -5.88
N ASP A 146 0.46 26.07 -5.92
CA ASP A 146 0.63 26.91 -4.73
C ASP A 146 -0.52 26.81 -3.70
N SER A 147 -1.45 25.89 -3.92
CA SER A 147 -2.57 25.70 -3.01
C SER A 147 -2.15 25.09 -1.67
N ARG A 148 -2.89 25.43 -0.62
CA ARG A 148 -2.66 24.88 0.69
C ARG A 148 -3.99 24.47 1.32
N ILE A 149 -3.90 23.57 2.30
CA ILE A 149 -5.05 23.21 3.10
C ILE A 149 -4.59 23.08 4.54
N ARG A 150 -5.33 23.69 5.46
CA ARG A 150 -5.04 23.54 6.87
C ARG A 150 -5.89 22.43 7.48
N PHE A 151 -5.23 21.44 8.05
CA PHE A 151 -5.90 20.41 8.83
C PHE A 151 -5.51 20.62 10.29
N GLY A 152 -6.29 21.41 11.01
CA GLY A 152 -5.89 21.81 12.35
C GLY A 152 -4.48 22.40 12.32
N PHE A 153 -3.65 21.98 13.27
CA PHE A 153 -2.27 22.47 13.39
C PHE A 153 -1.31 22.01 12.29
N LEU A 154 -1.80 21.22 11.35
CA LEU A 154 -1.00 20.82 10.21
C LEU A 154 -1.44 21.50 8.91
N THR A 155 -0.59 22.35 8.37
CA THR A 155 -0.85 22.97 7.08
C THR A 155 -0.10 22.24 5.97
N VAL A 156 -0.81 21.85 4.91
CA VAL A 156 -0.18 21.14 3.79
C VAL A 156 -0.19 22.03 2.58
N THR A 157 0.98 22.23 1.98
CA THR A 157 1.14 23.10 0.82
C THR A 157 1.74 22.33 -0.35
N ASN A 158 1.15 22.50 -1.53
CA ASN A 158 1.65 21.87 -2.75
C ASN A 158 2.84 22.67 -3.30
N LEU A 159 4.00 22.03 -3.47
CA LEU A 159 5.18 22.79 -3.92
C LEU A 159 5.52 22.55 -5.38
N GLY A 160 4.76 21.67 -6.04
CA GLY A 160 5.06 21.37 -7.42
C GLY A 160 4.57 20.00 -7.84
N VAL A 161 4.16 19.89 -9.09
CA VAL A 161 3.61 18.65 -9.61
C VAL A 161 4.30 18.29 -10.91
N GLU A 162 4.79 17.05 -11.01
CA GLU A 162 5.37 16.55 -12.24
C GLU A 162 4.49 15.43 -12.79
N ASN A 163 4.16 15.51 -14.07
CA ASN A 163 3.39 14.45 -14.71
C ASN A 163 4.26 13.46 -15.46
N MET A 164 4.05 12.17 -15.20
CA MET A 164 4.78 11.09 -15.87
C MET A 164 3.83 10.22 -16.65
N ASN A 165 4.37 9.22 -17.35
CA ASN A 165 3.52 8.40 -18.19
C ASN A 165 2.36 7.75 -17.43
N HIS A 166 2.66 7.13 -16.28
CA HIS A 166 1.63 6.37 -15.58
C HIS A 166 1.31 6.86 -14.18
N TYR A 167 2.04 7.88 -13.74
CA TYR A 167 1.85 8.41 -12.41
C TYR A 167 2.14 9.91 -12.37
N LYS A 168 1.69 10.56 -11.31
CA LYS A 168 2.06 11.96 -11.10
C LYS A 168 2.83 12.06 -9.79
N LYS A 169 3.86 12.89 -9.75
CA LYS A 169 4.64 13.09 -8.54
C LYS A 169 4.45 14.50 -7.99
N THR A 170 3.88 14.59 -6.79
CA THR A 170 3.62 15.88 -6.14
C THR A 170 4.48 16.05 -4.91
N THR A 171 5.12 17.20 -4.78
CA THR A 171 5.92 17.50 -3.61
C THR A 171 5.08 18.34 -2.66
N LEU A 172 4.96 17.87 -1.42
CA LEU A 172 4.17 18.56 -0.41
C LEU A 172 5.05 18.97 0.77
N GLU A 173 4.71 20.11 1.36
CA GLU A 173 5.29 20.51 2.63
C GLU A 173 4.21 20.35 3.69
N ILE A 174 4.55 19.69 4.79
CA ILE A 174 3.66 19.69 5.95
C ILE A 174 4.26 20.55 7.05
N HIS A 175 3.50 21.56 7.43
CA HIS A 175 3.95 22.52 8.42
C HIS A 175 3.12 22.38 9.66
N ASN A 176 3.72 21.85 10.72
CA ASN A 176 3.07 21.74 12.01
C ASN A 176 3.20 23.08 12.73
N THR A 177 2.13 23.87 12.69
CA THR A 177 2.13 25.24 13.18
C THR A 177 2.12 25.34 14.71
N GLU A 178 1.89 24.24 15.40
CA GLU A 178 1.98 24.22 16.85
C GLU A 178 3.44 24.09 17.26
N GLU A 179 4.08 23.03 16.78
CA GLU A 179 5.49 22.77 17.09
C GLU A 179 6.44 23.66 16.31
N ARG A 180 5.93 24.35 15.29
CA ARG A 180 6.76 25.11 14.37
C ARG A 180 7.80 24.24 13.66
N GLN A 181 7.37 23.10 13.11
CA GLN A 181 8.27 22.24 12.35
C GLN A 181 7.74 22.00 10.94
N LYS A 182 8.65 21.73 10.00
CA LYS A 182 8.29 21.48 8.61
C LYS A 182 8.96 20.23 8.08
N ARG A 183 8.26 19.57 7.18
CA ARG A 183 8.76 18.35 6.56
C ARG A 183 8.23 18.30 5.13
N GLN A 184 9.07 17.85 4.20
CA GLN A 184 8.58 17.61 2.85
C GLN A 184 8.18 16.16 2.71
N VAL A 185 7.07 15.93 1.99
CA VAL A 185 6.56 14.60 1.76
C VAL A 185 6.36 14.47 0.27
N THR A 186 6.72 13.34 -0.32
CA THR A 186 6.46 13.14 -1.73
C THR A 186 5.24 12.26 -1.91
N HIS A 187 4.32 12.71 -2.77
CA HIS A 187 3.08 11.98 -3.03
C HIS A 187 3.10 11.43 -4.45
N PHE A 188 2.93 10.11 -4.60
CA PHE A 188 2.92 9.49 -5.91
C PHE A 188 1.53 8.95 -6.19
N GLN A 189 0.93 9.38 -7.30
CA GLN A 189 -0.35 8.80 -7.71
C GLN A 189 -0.20 8.02 -9.00
N PHE A 190 -0.45 6.71 -8.92
CA PHE A 190 -0.40 5.80 -10.06
C PHE A 190 -1.79 5.72 -10.67
N LEU A 191 -1.93 6.02 -11.96
CA LEU A 191 -3.25 6.27 -12.53
C LEU A 191 -3.89 5.11 -13.29
N SER A 192 -3.10 4.10 -13.64
CA SER A 192 -3.56 3.06 -14.57
C SER A 192 -3.74 1.68 -13.92
N TRP A 193 -4.29 1.67 -12.72
CA TRP A 193 -4.54 0.44 -11.99
C TRP A 193 -5.91 0.52 -11.35
N PRO A 194 -6.94 0.01 -12.05
CA PRO A 194 -8.32 0.08 -11.59
C PRO A 194 -8.60 -0.85 -10.42
N ASP A 195 -9.54 -0.46 -9.56
CA ASP A 195 -10.01 -1.34 -8.50
C ASP A 195 -10.34 -2.70 -9.10
N TYR A 196 -10.16 -3.76 -8.32
CA TYR A 196 -10.57 -5.09 -8.72
C TYR A 196 -9.72 -5.63 -9.88
N GLY A 197 -8.74 -4.86 -10.33
CA GLY A 197 -7.99 -5.20 -11.52
C GLY A 197 -6.49 -5.25 -11.36
N VAL A 198 -5.80 -5.31 -12.50
CA VAL A 198 -4.35 -5.35 -12.52
C VAL A 198 -3.85 -4.17 -13.36
N PRO A 199 -2.58 -3.80 -13.18
CA PRO A 199 -2.11 -2.69 -14.02
C PRO A 199 -2.00 -3.12 -15.48
N SER A 200 -2.11 -2.16 -16.38
CA SER A 200 -2.08 -2.44 -17.82
C SER A 200 -0.75 -3.06 -18.23
N SER A 201 0.25 -2.91 -17.38
CA SER A 201 1.59 -3.37 -17.68
C SER A 201 2.37 -3.68 -16.40
N ALA A 202 2.90 -4.89 -16.31
CA ALA A 202 3.77 -5.21 -15.18
C ALA A 202 4.97 -4.26 -15.15
N ALA A 203 5.50 -3.93 -16.31
CA ALA A 203 6.71 -3.14 -16.40
C ALA A 203 6.54 -1.73 -15.85
N SER A 204 5.38 -1.13 -16.09
CA SER A 204 5.14 0.23 -15.61
C SER A 204 5.04 0.25 -14.09
N LEU A 205 4.42 -0.78 -13.51
CA LEU A 205 4.32 -0.86 -12.07
C LEU A 205 5.69 -1.08 -11.43
N ILE A 206 6.51 -1.91 -12.06
CA ILE A 206 7.85 -2.19 -11.55
C ILE A 206 8.78 -0.96 -11.65
N ASP A 207 8.72 -0.25 -12.78
CA ASP A 207 9.37 1.06 -12.88
C ASP A 207 8.89 1.99 -11.77
N PHE A 208 7.59 2.02 -11.55
CA PHE A 208 6.98 2.87 -10.53
C PHE A 208 7.53 2.52 -9.15
N LEU A 209 7.68 1.23 -8.88
CA LEU A 209 8.21 0.75 -7.62
C LEU A 209 9.63 1.26 -7.36
N ARG A 210 10.48 1.24 -8.39
CA ARG A 210 11.84 1.73 -8.24
C ARG A 210 11.88 3.22 -7.98
N VAL A 211 11.03 3.97 -8.69
CA VAL A 211 10.90 5.41 -8.42
C VAL A 211 10.55 5.64 -6.96
N VAL A 212 9.54 4.91 -6.47
CA VAL A 212 9.12 5.05 -5.08
C VAL A 212 10.26 4.68 -4.15
N ARG A 213 10.93 3.55 -4.43
CA ARG A 213 12.06 3.13 -3.61
C ARG A 213 13.14 4.18 -3.56
N ASN A 214 13.48 4.73 -4.71
CA ASN A 214 14.55 5.73 -4.79
C ASN A 214 14.18 6.99 -4.02
N GLN A 215 12.92 7.40 -4.10
CA GLN A 215 12.52 8.59 -3.37
C GLN A 215 12.60 8.37 -1.86
N GLN A 216 12.11 7.21 -1.40
CA GLN A 216 12.19 6.87 0.02
C GLN A 216 13.64 6.85 0.53
N SER A 217 14.54 6.22 -0.23
CA SER A 217 15.96 6.20 0.13
C SER A 217 16.57 7.62 0.16
N LEU A 218 16.27 8.42 -0.87
CA LEU A 218 16.71 9.81 -0.92
C LEU A 218 16.21 10.60 0.29
N ALA A 219 14.92 10.51 0.58
CA ALA A 219 14.34 11.28 1.68
C ALA A 219 14.97 10.89 3.00
N VAL A 220 15.19 9.59 3.18
CA VAL A 220 15.75 9.05 4.42
C VAL A 220 17.19 9.53 4.63
N SER A 221 17.94 9.64 3.54
CA SER A 221 19.31 10.10 3.64
C SER A 221 19.38 11.57 4.05
N ASN A 222 18.37 12.35 3.65
CA ASN A 222 18.34 13.78 3.95
C ASN A 222 17.87 14.09 5.37
N MET A 223 17.36 13.06 6.05
CA MET A 223 16.87 13.19 7.42
C MET A 223 18.00 13.70 8.33
N GLU A 233 13.65 3.67 10.17
CA GLU A 233 13.14 4.15 8.89
C GLU A 233 11.60 4.21 8.85
N PRO A 234 11.05 5.40 8.53
CA PRO A 234 9.60 5.65 8.45
C PRO A 234 8.90 4.75 7.46
N PRO A 235 7.64 4.38 7.76
CA PRO A 235 6.89 3.59 6.78
C PRO A 235 6.52 4.42 5.55
N ILE A 236 6.37 3.75 4.43
CA ILE A 236 5.77 4.35 3.25
C ILE A 236 4.26 4.13 3.37
N VAL A 237 3.49 5.20 3.28
CA VAL A 237 2.03 5.05 3.25
C VAL A 237 1.63 4.56 1.86
N VAL A 238 0.87 3.46 1.82
CA VAL A 238 0.41 2.90 0.57
C VAL A 238 -1.10 2.74 0.65
N HIS A 239 -1.80 3.38 -0.26
CA HIS A 239 -3.26 3.31 -0.20
C HIS A 239 -3.91 3.17 -1.56
N CYS A 240 -5.13 2.66 -1.55
CA CYS A 240 -5.95 2.63 -2.74
C CYS A 240 -7.31 3.19 -2.37
N SER A 241 -8.38 2.45 -2.62
CA SER A 241 -9.70 2.87 -2.16
C SER A 241 -10.03 2.22 -0.82
N ALA A 242 -10.00 0.90 -0.78
CA ALA A 242 -10.11 0.13 0.45
C ALA A 242 -8.75 -0.04 1.12
N GLY A 243 -7.68 0.06 0.32
CA GLY A 243 -6.33 -0.19 0.82
C GLY A 243 -6.01 -1.65 1.11
N ILE A 244 -6.61 -2.56 0.33
CA ILE A 244 -6.32 -3.98 0.49
C ILE A 244 -5.95 -4.70 -0.81
N GLY A 245 -6.65 -4.35 -1.89
CA GLY A 245 -6.47 -5.04 -3.16
C GLY A 245 -5.17 -4.66 -3.86
N ARG A 246 -5.16 -3.45 -4.40
CA ARG A 246 -3.99 -2.93 -5.07
C ARG A 246 -2.88 -2.70 -4.05
N THR A 247 -3.25 -2.29 -2.84
CA THR A 247 -2.27 -2.09 -1.78
C THR A 247 -1.50 -3.39 -1.45
N GLY A 248 -2.24 -4.47 -1.22
CA GLY A 248 -1.60 -5.75 -0.93
C GLY A 248 -0.72 -6.22 -2.07
N THR A 249 -1.15 -5.96 -3.29
CA THR A 249 -0.45 -6.44 -4.47
C THR A 249 0.85 -5.66 -4.62
N PHE A 250 0.76 -4.35 -4.49
CA PHE A 250 1.94 -3.49 -4.57
C PHE A 250 2.99 -3.91 -3.54
N CYS A 251 2.57 -4.05 -2.29
CA CYS A 251 3.48 -4.37 -1.21
C CYS A 251 4.05 -5.77 -1.31
N SER A 252 3.21 -6.71 -1.71
CA SER A 252 3.65 -8.07 -1.87
C SER A 252 4.71 -8.16 -2.96
N LEU A 253 4.50 -7.46 -4.06
CA LEU A 253 5.50 -7.46 -5.15
C LEU A 253 6.82 -6.84 -4.69
N ASP A 254 6.71 -5.74 -3.97
CA ASP A 254 7.88 -5.07 -3.41
C ASP A 254 8.70 -6.03 -2.55
N ILE A 255 8.02 -6.75 -1.65
CA ILE A 255 8.71 -7.67 -0.75
C ILE A 255 9.40 -8.79 -1.54
N CYS A 256 8.66 -9.42 -2.44
CA CYS A 256 9.21 -10.48 -3.25
C CYS A 256 10.41 -10.03 -4.07
N LEU A 257 10.31 -8.87 -4.71
CA LEU A 257 11.43 -8.41 -5.53
C LEU A 257 12.65 -8.09 -4.67
N ALA A 258 12.42 -7.55 -3.48
CA ALA A 258 13.52 -7.27 -2.55
C ALA A 258 14.26 -8.54 -2.12
N GLN A 259 13.51 -9.59 -1.79
CA GLN A 259 14.15 -10.83 -1.38
C GLN A 259 14.86 -11.45 -2.59
N LEU A 260 14.23 -11.38 -3.76
CA LEU A 260 14.83 -11.88 -4.98
C LEU A 260 16.16 -11.19 -5.26
N GLU A 261 16.17 -9.86 -5.14
CA GLU A 261 17.40 -9.11 -5.35
C GLU A 261 18.50 -9.51 -4.37
N GLU A 262 18.16 -9.61 -3.10
CA GLU A 262 19.17 -9.84 -2.08
C GLU A 262 19.63 -11.29 -1.99
N LEU A 263 18.68 -12.21 -2.01
CA LEU A 263 19.00 -13.62 -1.77
C LEU A 263 18.74 -14.52 -2.96
N GLY A 264 18.21 -13.98 -4.04
CA GLY A 264 17.90 -14.81 -5.20
C GLY A 264 16.78 -15.82 -4.93
N THR A 265 15.92 -15.49 -3.97
CA THR A 265 14.80 -16.36 -3.68
C THR A 265 13.57 -15.55 -3.34
N LEU A 266 12.43 -16.23 -3.31
CA LEU A 266 11.19 -15.58 -2.92
C LEU A 266 10.17 -16.67 -2.63
N ASN A 267 9.05 -16.27 -2.06
CA ASN A 267 7.90 -17.15 -1.94
C ASN A 267 6.65 -16.29 -1.85
N VAL A 268 5.88 -16.29 -2.94
CA VAL A 268 4.65 -15.51 -3.02
C VAL A 268 3.61 -15.93 -1.99
N PHE A 269 3.34 -17.23 -1.91
CA PHE A 269 2.34 -17.72 -0.98
C PHE A 269 2.63 -17.27 0.45
N GLN A 270 3.87 -17.45 0.89
CA GLN A 270 4.31 -17.05 2.23
C GLN A 270 4.17 -15.55 2.44
N THR A 271 4.58 -14.76 1.45
CA THR A 271 4.53 -13.31 1.57
C THR A 271 3.08 -12.83 1.74
N VAL A 272 2.20 -13.30 0.88
CA VAL A 272 0.79 -12.90 0.94
C VAL A 272 0.11 -13.40 2.22
N SER A 273 0.30 -14.67 2.57
CA SER A 273 -0.25 -15.20 3.82
C SER A 273 0.17 -14.35 5.01
N ARG A 274 1.46 -14.08 5.11
CA ARG A 274 1.96 -13.26 6.20
C ARG A 274 1.38 -11.85 6.17
N MET A 275 1.29 -11.26 4.97
CA MET A 275 0.78 -9.89 4.86
C MET A 275 -0.66 -9.77 5.38
N ARG A 276 -1.44 -10.82 5.17
CA ARG A 276 -2.85 -10.81 5.53
C ARG A 276 -3.06 -10.89 7.05
N THR A 277 -2.00 -11.23 7.78
CA THR A 277 -2.05 -11.17 9.24
C THR A 277 -1.77 -9.76 9.72
N GLN A 278 -1.49 -8.84 8.80
CA GLN A 278 -1.15 -7.47 9.18
C GLN A 278 -2.07 -6.43 8.56
N ARG A 279 -2.23 -6.46 7.25
CA ARG A 279 -3.33 -5.73 6.63
C ARG A 279 -4.31 -6.80 6.16
N ALA A 280 -5.35 -7.03 6.96
CA ALA A 280 -6.32 -8.09 6.65
C ALA A 280 -6.88 -7.92 5.25
N PHE A 281 -7.07 -9.05 4.55
CA PHE A 281 -7.70 -9.08 3.22
C PHE A 281 -6.81 -8.60 2.07
N SER A 282 -5.53 -8.38 2.35
CA SER A 282 -4.56 -8.01 1.31
C SER A 282 -4.62 -8.92 0.08
N ILE A 283 -4.69 -8.29 -1.10
CA ILE A 283 -4.91 -8.98 -2.37
C ILE A 283 -6.35 -9.53 -2.46
N GLN A 284 -7.10 -8.92 -3.36
CA GLN A 284 -8.55 -9.03 -3.33
C GLN A 284 -9.13 -9.94 -4.40
N THR A 285 -8.35 -10.25 -5.45
CA THR A 285 -8.81 -11.18 -6.47
C THR A 285 -7.74 -12.21 -6.87
N PRO A 286 -8.17 -13.35 -7.42
CA PRO A 286 -7.16 -14.29 -7.91
C PRO A 286 -6.36 -13.73 -9.08
N GLU A 287 -6.94 -12.79 -9.82
CA GLU A 287 -6.22 -12.12 -10.90
C GLU A 287 -5.04 -11.30 -10.33
N GLN A 288 -5.27 -10.65 -9.21
CA GLN A 288 -4.21 -9.90 -8.54
C GLN A 288 -3.11 -10.83 -8.02
N TYR A 289 -3.51 -11.94 -7.42
CA TYR A 289 -2.56 -12.91 -6.89
C TYR A 289 -1.70 -13.49 -8.02
N TYR A 290 -2.35 -13.86 -9.12
CA TYR A 290 -1.64 -14.43 -10.26
C TYR A 290 -0.70 -13.39 -10.85
N PHE A 291 -1.16 -12.15 -10.86
CA PHE A 291 -0.36 -11.04 -11.33
C PHE A 291 0.98 -10.94 -10.60
N CYS A 292 0.99 -11.21 -9.29
CA CYS A 292 2.23 -11.17 -8.54
C CYS A 292 3.24 -12.15 -9.13
N TYR A 293 2.79 -13.38 -9.37
CA TYR A 293 3.69 -14.39 -9.95
C TYR A 293 4.13 -13.96 -11.35
N LYS A 294 3.18 -13.53 -12.18
CA LYS A 294 3.46 -13.13 -13.55
C LYS A 294 4.41 -11.94 -13.65
N ALA A 295 4.21 -10.94 -12.78
CA ALA A 295 5.07 -9.77 -12.78
C ALA A 295 6.51 -10.15 -12.43
N ILE A 296 6.67 -11.03 -11.44
CA ILE A 296 8.00 -11.49 -11.03
C ILE A 296 8.70 -12.25 -12.16
N LEU A 297 7.96 -13.13 -12.83
CA LEU A 297 8.52 -13.91 -13.92
C LEU A 297 8.87 -13.05 -15.15
N GLU A 298 8.00 -12.09 -15.45
CA GLU A 298 8.26 -11.15 -16.53
C GLU A 298 9.50 -10.31 -16.25
N PHE A 299 9.64 -9.87 -15.00
CA PHE A 299 10.83 -9.17 -14.54
C PHE A 299 12.07 -10.05 -14.71
N ALA A 300 12.00 -11.30 -14.25
CA ALA A 300 13.11 -12.24 -14.38
C ALA A 300 13.57 -12.40 -15.83
N GLU A 301 12.62 -12.65 -16.71
CA GLU A 301 12.89 -12.78 -18.14
C GLU A 301 13.57 -11.54 -18.72
N LYS A 302 13.02 -10.37 -18.43
CA LYS A 302 13.57 -9.11 -18.92
C LYS A 302 14.93 -8.80 -18.31
N GLU A 303 15.27 -9.50 -17.23
CA GLU A 303 16.55 -9.30 -16.55
C GLU A 303 17.54 -10.42 -16.90
N GLY A 304 17.11 -11.34 -17.75
CA GLY A 304 17.98 -12.38 -18.26
C GLY A 304 18.20 -13.59 -17.35
N MET A 305 17.33 -13.77 -16.36
CA MET A 305 17.36 -14.98 -15.55
C MET A 305 16.48 -16.04 -16.22
N VAL A 306 16.00 -15.70 -17.42
CA VAL A 306 15.04 -16.51 -18.15
C VAL A 306 15.65 -17.81 -18.67
N ASN B 1 -18.75 3.29 0.57
CA ASN B 1 -18.84 3.45 -0.87
C ASN B 1 -19.84 2.56 -1.65
N LEU B 2 -20.55 1.61 -1.02
CA LEU B 2 -20.54 1.35 0.42
C LEU B 2 -19.95 -0.02 0.78
N PTR B 3 -19.93 -0.93 -0.19
CA PTR B 3 -19.27 -2.22 -0.02
C PTR B 3 -18.21 -2.42 -1.12
O PTR B 3 -18.47 -2.19 -2.30
CB PTR B 3 -20.28 -3.36 0.02
CG PTR B 3 -21.22 -3.31 1.21
CD1 PTR B 3 -20.74 -3.48 2.50
CD2 PTR B 3 -22.58 -3.07 1.04
CE1 PTR B 3 -21.59 -3.44 3.59
CE2 PTR B 3 -23.45 -3.03 2.12
CZ PTR B 3 -22.94 -3.20 3.39
OH PTR B 3 -23.74 -3.16 4.34
P PTR B 3 -23.42 -2.43 5.76
O1P PTR B 3 -23.02 -3.47 6.73
O2P PTR B 3 -22.29 -1.40 5.60
O3P PTR B 3 -24.69 -1.70 6.25
N PTR B 4 -17.01 -2.85 -0.71
CA PTR B 4 -15.90 -2.99 -1.65
C PTR B 4 -16.12 -4.18 -2.60
O PTR B 4 -15.85 -4.08 -3.79
CB PTR B 4 -14.57 -3.11 -0.87
CG PTR B 4 -13.33 -2.92 -1.72
CD1 PTR B 4 -13.19 -1.84 -2.58
CD2 PTR B 4 -12.27 -3.84 -1.66
CE1 PTR B 4 -12.05 -1.66 -3.35
CE2 PTR B 4 -11.13 -3.66 -2.42
CZ PTR B 4 -11.02 -2.58 -3.27
OH PTR B 4 -9.99 -2.41 -3.97
P PTR B 4 -8.68 -1.61 -3.42
O1P PTR B 4 -9.05 -0.17 -3.33
O2P PTR B 4 -8.24 -2.15 -2.06
O3P PTR B 4 -7.57 -1.76 -4.44
N TRP B 5 -16.63 -5.29 -2.08
CA TRP B 5 -16.80 -6.50 -2.89
C TRP B 5 -18.03 -6.46 -3.80
#